data_6NYU
#
_entry.id   6NYU
#
_cell.length_a   32.846
_cell.length_b   54.090
_cell.length_c   83.729
_cell.angle_alpha   105.05
_cell.angle_beta   90.00
_cell.angle_gamma   107.67
#
_symmetry.space_group_name_H-M   'P 1'
#
loop_
_entity.id
_entity.type
_entity.pdbx_description
1 polymer 'DegV domain-containing protein'
2 non-polymer 'MYRISTIC ACID'
3 non-polymer GLYCEROL
4 non-polymer 'PALMITIC ACID'
5 water water
#
_entity_poly.entity_id   1
_entity_poly.type   'polypeptide(L)'
_entity_poly.pdbx_seq_one_letter_code
;MKIAVMTDSTSYLSQDLIDKYNIQIAPLSVTFDDGKNFTESNEIAIEEFYNKMASSQTIPTTSQPAIGEWITKYEMLRDQ
GYTDIIVICLSSGISGSYQSSYQAGEMVEGVNVHAFDSKLAAMIEGCYVLRAIEMVEEGYEPQQIIDDLTNMREHTGAYL
IVDDLKNLQKSGRITGAQAWVGTLLKMKPVLKFEDGKIIPEEKVRTKKRAIQTLEKKVLDIVKDFEEVTLFVINGDHFED
GQALYKKLQDDCPSAYQVAYSETGPVVAAHLGSGGLGLGYVGRKIRLT
;
_entity_poly.pdbx_strand_id   A,B
#
# COMPACT_ATOMS: atom_id res chain seq x y z
N MET A 1 34.82 0.19 -4.42
CA MET A 1 33.61 0.88 -4.84
C MET A 1 32.94 0.13 -6.00
N LYS A 2 31.70 -0.30 -5.77
CA LYS A 2 30.91 -1.01 -6.78
C LYS A 2 29.55 -0.31 -6.88
N ILE A 3 29.37 0.46 -7.95
CA ILE A 3 28.18 1.30 -8.10
C ILE A 3 27.10 0.54 -8.85
N ALA A 4 25.89 0.56 -8.31
CA ALA A 4 24.72 0.02 -8.97
C ALA A 4 23.75 1.14 -9.31
N VAL A 5 22.95 0.94 -10.34
CA VAL A 5 21.93 1.88 -10.78
C VAL A 5 20.60 1.16 -10.81
N MET A 6 19.60 1.70 -10.12
CA MET A 6 18.26 1.15 -10.11
C MET A 6 17.26 2.29 -10.26
N THR A 7 15.99 1.95 -10.35
CA THR A 7 14.94 2.94 -10.58
C THR A 7 13.60 2.32 -10.20
N ASP A 8 12.54 3.11 -10.32
CA ASP A 8 11.20 2.59 -10.12
C ASP A 8 10.64 2.11 -11.47
N SER A 9 9.44 1.55 -11.43
CA SER A 9 8.86 0.97 -12.64
C SER A 9 8.41 2.03 -13.64
N THR A 10 8.20 3.27 -13.20
CA THR A 10 7.69 4.31 -14.10
C THR A 10 8.73 4.80 -15.10
N SER A 11 9.98 4.35 -14.99
CA SER A 11 10.97 4.68 -16.02
C SER A 11 10.69 3.97 -17.34
N TYR A 12 9.96 2.85 -17.30
CA TYR A 12 9.49 2.14 -18.49
C TYR A 12 10.64 1.79 -19.43
N LEU A 13 11.69 1.22 -18.86
CA LEU A 13 12.78 0.71 -19.67
C LEU A 13 12.41 -0.63 -20.27
N SER A 14 12.93 -0.89 -21.47
CA SER A 14 12.67 -2.16 -22.13
C SER A 14 13.33 -3.30 -21.37
N GLN A 15 12.75 -4.50 -21.48
CA GLN A 15 13.28 -5.65 -20.79
C GLN A 15 14.68 -6.02 -21.29
N ASP A 16 15.03 -5.64 -22.53
CA ASP A 16 16.38 -5.87 -23.02
C ASP A 16 17.40 -5.10 -22.17
N LEU A 17 17.12 -3.82 -21.92
CA LEU A 17 18.04 -3.03 -21.12
C LEU A 17 18.05 -3.46 -19.65
N ILE A 18 16.90 -3.91 -19.14
CA ILE A 18 16.84 -4.37 -17.75
C ILE A 18 17.61 -5.68 -17.60
N ASP A 19 17.47 -6.59 -18.55
CA ASP A 19 18.19 -7.86 -18.49
C ASP A 19 19.69 -7.66 -18.71
N LYS A 20 20.06 -6.76 -19.62
CA LYS A 20 21.46 -6.61 -19.99
C LYS A 20 22.26 -5.97 -18.86
N TYR A 21 21.71 -4.95 -18.20
CA TYR A 21 22.41 -4.21 -17.17
C TYR A 21 21.99 -4.61 -15.76
N ASN A 22 21.13 -5.62 -15.63
CA ASN A 22 20.68 -6.11 -14.32
C ASN A 22 20.07 -4.98 -13.49
N ILE A 23 19.16 -4.23 -14.11
CA ILE A 23 18.56 -3.06 -13.48
C ILE A 23 17.47 -3.54 -12.52
N GLN A 24 17.66 -3.30 -11.23
CA GLN A 24 16.63 -3.60 -10.25
C GLN A 24 15.54 -2.54 -10.31
N ILE A 25 14.30 -2.97 -10.06
CA ILE A 25 13.12 -2.13 -10.26
C ILE A 25 12.27 -2.19 -9.00
N ALA A 26 12.01 -1.02 -8.41
CA ALA A 26 11.02 -0.89 -7.35
C ALA A 26 9.68 -0.56 -7.99
N PRO A 27 8.76 -1.52 -8.07
CA PRO A 27 7.58 -1.34 -8.92
C PRO A 27 6.48 -0.53 -8.24
N LEU A 28 5.75 0.22 -9.05
CA LEU A 28 4.52 0.85 -8.65
C LEU A 28 3.34 -0.07 -9.01
N SER A 29 2.17 0.23 -8.44
CA SER A 29 1.01 -0.63 -8.60
C SER A 29 -0.23 0.20 -8.95
N VAL A 30 -1.22 -0.49 -9.50
CA VAL A 30 -2.51 0.09 -9.83
C VAL A 30 -3.59 -0.74 -9.15
N THR A 31 -4.65 -0.07 -8.69
CA THR A 31 -5.76 -0.73 -8.02
C THR A 31 -7.07 -0.25 -8.64
N PHE A 32 -7.87 -1.19 -9.13
CA PHE A 32 -9.15 -0.87 -9.73
C PHE A 32 -10.26 -0.94 -8.68
N ASP A 33 -11.45 -0.48 -9.07
CA ASP A 33 -12.59 -0.46 -8.15
C ASP A 33 -13.09 -1.86 -7.82
N ASP A 34 -12.74 -2.86 -8.62
CA ASP A 34 -13.13 -4.24 -8.34
C ASP A 34 -12.16 -4.95 -7.42
N GLY A 35 -11.14 -4.25 -6.90
CA GLY A 35 -10.20 -4.83 -5.98
C GLY A 35 -8.97 -5.45 -6.61
N LYS A 36 -8.86 -5.45 -7.93
CA LYS A 36 -7.73 -6.07 -8.60
C LYS A 36 -6.51 -5.17 -8.51
N ASN A 37 -5.44 -5.68 -7.91
CA ASN A 37 -4.16 -4.98 -7.82
C ASN A 37 -3.20 -5.52 -8.87
N PHE A 38 -2.36 -4.64 -9.38
CA PHE A 38 -1.41 -5.00 -10.43
C PHE A 38 -0.17 -4.14 -10.31
N THR A 39 0.97 -4.76 -10.00
CA THR A 39 2.24 -4.05 -9.97
C THR A 39 2.82 -3.98 -11.37
N GLU A 40 3.50 -2.87 -11.67
CA GLU A 40 4.01 -2.65 -13.02
C GLU A 40 5.16 -3.59 -13.34
N SER A 41 5.16 -4.08 -14.57
CA SER A 41 6.20 -5.00 -15.04
C SER A 41 6.11 -5.07 -16.56
N ASN A 42 7.08 -5.72 -17.19
CA ASN A 42 7.09 -5.85 -18.67
C ASN A 42 6.26 -7.08 -19.07
N GLU A 43 5.77 -7.83 -18.07
CA GLU A 43 5.00 -9.08 -18.31
C GLU A 43 3.56 -8.75 -18.75
N ILE A 44 2.90 -7.79 -18.10
CA ILE A 44 1.48 -7.46 -18.44
C ILE A 44 1.41 -6.66 -19.75
N ALA A 45 0.46 -7.01 -20.62
CA ALA A 45 0.24 -6.29 -21.90
C ALA A 45 -0.41 -4.95 -21.57
N ILE A 46 0.12 -3.84 -22.10
CA ILE A 46 -0.37 -2.52 -21.77
C ILE A 46 -1.78 -2.31 -22.30
N GLU A 47 -2.11 -2.90 -23.45
CA GLU A 47 -3.45 -2.75 -24.00
C GLU A 47 -4.50 -3.47 -23.16
N GLU A 48 -4.10 -4.48 -22.38
CA GLU A 48 -5.04 -5.11 -21.46
C GLU A 48 -5.42 -4.17 -20.32
N PHE A 49 -4.47 -3.34 -19.88
CA PHE A 49 -4.78 -2.35 -18.86
C PHE A 49 -5.71 -1.28 -19.41
N TYR A 50 -5.48 -0.84 -20.65
CA TYR A 50 -6.33 0.17 -21.25
C TYR A 50 -7.76 -0.34 -21.43
N ASN A 51 -7.92 -1.63 -21.75
CA ASN A 51 -9.25 -2.20 -21.84
C ASN A 51 -9.94 -2.22 -20.49
N LYS A 52 -9.19 -2.52 -19.42
CA LYS A 52 -9.78 -2.56 -18.08
C LYS A 52 -10.08 -1.15 -17.58
N MET A 53 -9.18 -0.20 -17.84
CA MET A 53 -9.44 1.18 -17.43
C MET A 53 -10.65 1.76 -18.15
N ALA A 54 -10.83 1.39 -19.42
CA ALA A 54 -12.05 1.79 -20.12
C ALA A 54 -13.27 1.07 -19.59
N SER A 55 -13.11 -0.19 -19.17
CA SER A 55 -14.20 -0.99 -18.60
C SER A 55 -14.29 -0.86 -17.09
N SER A 56 -14.16 0.35 -16.57
CA SER A 56 -14.22 0.60 -15.13
C SER A 56 -15.06 1.84 -14.88
N GLN A 57 -16.12 1.70 -14.08
CA GLN A 57 -16.95 2.84 -13.74
C GLN A 57 -16.20 3.84 -12.87
N THR A 58 -15.13 3.43 -12.21
CA THR A 58 -14.33 4.29 -11.36
C THR A 58 -12.91 4.37 -11.89
N ILE A 59 -12.35 5.57 -11.88
CA ILE A 59 -10.96 5.75 -12.31
C ILE A 59 -10.04 5.03 -11.33
N PRO A 60 -9.12 4.18 -11.79
CA PRO A 60 -8.31 3.38 -10.87
C PRO A 60 -7.33 4.25 -10.09
N THR A 61 -6.84 3.66 -8.99
CA THR A 61 -5.91 4.32 -8.08
C THR A 61 -4.53 3.70 -8.23
N THR A 62 -3.50 4.54 -8.17
CA THR A 62 -2.12 4.08 -8.20
C THR A 62 -1.48 4.25 -6.83
N SER A 63 -0.36 3.57 -6.64
CA SER A 63 0.40 3.67 -5.40
C SER A 63 1.88 3.66 -5.71
N GLN A 64 2.63 4.51 -5.00
CA GLN A 64 4.07 4.55 -5.09
C GLN A 64 4.64 3.26 -4.52
N PRO A 65 5.93 2.97 -4.75
CA PRO A 65 6.55 1.84 -4.06
C PRO A 65 6.68 2.13 -2.57
N ALA A 66 6.26 1.18 -1.75
CA ALA A 66 6.37 1.34 -0.31
C ALA A 66 7.83 1.47 0.09
N ILE A 67 8.08 2.19 1.18
CA ILE A 67 9.45 2.45 1.61
C ILE A 67 10.16 1.14 1.95
N GLY A 68 9.41 0.12 2.36
CA GLY A 68 10.00 -1.19 2.60
C GLY A 68 10.43 -1.90 1.33
N GLU A 69 9.84 -1.55 0.19
CA GLU A 69 10.26 -2.14 -1.08
C GLU A 69 11.54 -1.53 -1.61
N TRP A 70 11.78 -0.25 -1.35
CA TRP A 70 13.07 0.34 -1.65
C TRP A 70 14.17 -0.26 -0.77
N ILE A 71 13.88 -0.40 0.53
CA ILE A 71 14.87 -0.95 1.47
C ILE A 71 15.25 -2.36 1.08
N THR A 72 14.25 -3.19 0.74
CA THR A 72 14.54 -4.56 0.33
C THR A 72 15.44 -4.59 -0.90
N LYS A 73 15.21 -3.69 -1.85
CA LYS A 73 16.07 -3.62 -3.02
C LYS A 73 17.45 -3.09 -2.65
N TYR A 74 17.52 -2.14 -1.71
CA TYR A 74 18.82 -1.64 -1.28
C TYR A 74 19.62 -2.72 -0.57
N GLU A 75 18.97 -3.48 0.31
CA GLU A 75 19.67 -4.53 1.03
C GLU A 75 20.14 -5.64 0.09
N MET A 76 19.32 -5.97 -0.91
CA MET A 76 19.70 -7.02 -1.86
C MET A 76 20.91 -6.60 -2.69
N LEU A 77 20.96 -5.33 -3.11
CA LEU A 77 22.11 -4.86 -3.87
C LEU A 77 23.35 -4.76 -2.98
N ARG A 78 23.18 -4.32 -1.73
CA ARG A 78 24.29 -4.27 -0.79
C ARG A 78 24.86 -5.67 -0.53
N ASP A 79 23.98 -6.65 -0.34
CA ASP A 79 24.42 -8.01 -0.08
C ASP A 79 25.06 -8.67 -1.29
N GLN A 80 24.92 -8.08 -2.48
CA GLN A 80 25.61 -8.56 -3.67
C GLN A 80 27.00 -7.97 -3.81
N GLY A 81 27.42 -7.10 -2.91
CA GLY A 81 28.73 -6.49 -2.96
C GLY A 81 28.75 -5.05 -3.43
N TYR A 82 27.59 -4.45 -3.70
CA TYR A 82 27.54 -3.07 -4.15
C TYR A 82 27.70 -2.12 -2.96
N THR A 83 28.49 -1.07 -3.17
CA THR A 83 28.75 -0.08 -2.13
C THR A 83 28.00 1.23 -2.36
N ASP A 84 27.60 1.52 -3.59
CA ASP A 84 26.89 2.75 -3.91
C ASP A 84 25.77 2.45 -4.88
N ILE A 85 24.59 3.02 -4.63
CA ILE A 85 23.42 2.82 -5.46
C ILE A 85 22.94 4.18 -5.96
N ILE A 86 22.88 4.34 -7.27
CA ILE A 86 22.25 5.49 -7.89
C ILE A 86 20.79 5.13 -8.15
N VAL A 87 19.88 5.92 -7.60
CA VAL A 87 18.45 5.66 -7.69
C VAL A 87 17.83 6.76 -8.53
N ILE A 88 17.26 6.40 -9.67
CA ILE A 88 16.52 7.32 -10.53
C ILE A 88 15.04 7.17 -10.21
N CYS A 89 14.37 8.29 -9.95
CA CYS A 89 13.04 8.24 -9.37
C CYS A 89 12.03 9.00 -10.23
N LEU A 90 10.78 8.59 -10.10
CA LEU A 90 9.67 9.37 -10.64
C LEU A 90 9.69 10.78 -10.05
N SER A 91 9.11 11.71 -10.80
CA SER A 91 9.11 13.11 -10.39
C SER A 91 8.48 13.29 -9.02
N SER A 92 9.19 13.98 -8.13
CA SER A 92 8.66 14.25 -6.80
C SER A 92 7.43 15.14 -6.84
N GLY A 93 7.21 15.88 -7.93
CA GLY A 93 6.05 16.74 -8.01
C GLY A 93 4.74 16.04 -8.32
N ILE A 94 4.78 14.76 -8.66
CA ILE A 94 3.58 14.03 -9.04
C ILE A 94 3.46 12.75 -8.20
N SER A 95 4.52 12.42 -7.47
CA SER A 95 4.52 11.17 -6.72
C SER A 95 5.46 11.30 -5.53
N GLY A 96 5.23 10.46 -4.52
CA GLY A 96 6.10 10.39 -3.38
C GLY A 96 7.12 9.28 -3.52
N SER A 97 7.31 8.80 -4.74
CA SER A 97 8.28 7.72 -4.98
C SER A 97 9.70 8.18 -4.65
N TYR A 98 10.06 9.40 -5.02
CA TYR A 98 11.41 9.88 -4.77
C TYR A 98 11.68 10.05 -3.29
N GLN A 99 10.76 10.71 -2.57
CA GLN A 99 10.94 10.88 -1.13
C GLN A 99 10.97 9.54 -0.42
N SER A 100 10.16 8.58 -0.87
CA SER A 100 10.22 7.24 -0.31
C SER A 100 11.57 6.60 -0.55
N SER A 101 12.12 6.75 -1.76
CA SER A 101 13.45 6.25 -2.02
C SER A 101 14.50 7.03 -1.22
N TYR A 102 14.29 8.34 -1.05
CA TYR A 102 15.24 9.16 -0.30
C TYR A 102 15.27 8.75 1.16
N GLN A 103 14.10 8.59 1.78
CA GLN A 103 14.07 8.20 3.19
C GLN A 103 14.56 6.77 3.39
N ALA A 104 14.24 5.88 2.45
CA ALA A 104 14.75 4.52 2.52
C ALA A 104 16.28 4.49 2.43
N GLY A 105 16.86 5.40 1.65
CA GLY A 105 18.31 5.48 1.57
C GLY A 105 18.95 5.89 2.88
N GLU A 106 18.24 6.68 3.68
CA GLU A 106 18.75 7.09 4.99
C GLU A 106 18.61 5.97 6.02
N MET A 107 17.70 5.03 5.83
CA MET A 107 17.43 3.99 6.80
C MET A 107 18.26 2.74 6.59
N VAL A 108 18.49 2.34 5.34
CA VAL A 108 19.26 1.13 5.07
C VAL A 108 20.71 1.36 5.45
N GLU A 109 21.35 0.34 6.02
CA GLU A 109 22.71 0.42 6.49
C GLU A 109 23.63 -0.42 5.61
N GLY A 110 24.92 -0.08 5.64
CA GLY A 110 25.92 -0.82 4.92
C GLY A 110 26.06 -0.50 3.45
N VAL A 111 25.40 0.56 2.97
CA VAL A 111 25.46 0.92 1.55
C VAL A 111 25.14 2.42 1.43
N ASN A 112 25.75 3.05 0.44
CA ASN A 112 25.50 4.46 0.14
C ASN A 112 24.42 4.57 -0.92
N VAL A 113 23.41 5.40 -0.65
CA VAL A 113 22.29 5.61 -1.56
C VAL A 113 22.33 7.04 -2.08
N HIS A 114 22.22 7.20 -3.39
CA HIS A 114 22.22 8.50 -4.05
C HIS A 114 20.94 8.60 -4.86
N ALA A 115 19.87 9.07 -4.21
CA ALA A 115 18.58 9.20 -4.87
C ALA A 115 18.55 10.46 -5.73
N PHE A 116 18.00 10.33 -6.94
CA PHE A 116 17.89 11.43 -7.88
C PHE A 116 16.45 11.66 -8.27
N ASP A 117 15.99 12.90 -8.13
CA ASP A 117 14.64 13.29 -8.54
C ASP A 117 14.70 13.70 -10.01
N SER A 118 14.29 12.79 -10.90
CA SER A 118 14.36 13.05 -12.33
C SER A 118 13.44 14.18 -12.77
N LYS A 119 12.43 14.52 -11.97
CA LYS A 119 11.48 15.59 -12.27
C LYS A 119 10.70 15.33 -13.57
N LEU A 120 10.57 14.06 -13.94
CA LEU A 120 9.77 13.68 -15.10
C LEU A 120 9.27 12.24 -14.98
N ALA A 121 9.03 11.58 -16.11
CA ALA A 121 8.42 10.26 -16.09
C ALA A 121 8.72 9.56 -17.41
N ALA A 122 8.30 8.28 -17.47
CA ALA A 122 8.37 7.44 -18.67
C ALA A 122 9.84 7.26 -19.06
N MET A 123 10.10 7.01 -20.34
CA MET A 123 11.46 6.73 -20.79
C MET A 123 12.38 7.94 -20.65
N ILE A 124 11.82 9.14 -20.51
CA ILE A 124 12.66 10.29 -20.20
C ILE A 124 13.32 10.13 -18.84
N GLU A 125 12.54 9.67 -17.85
CA GLU A 125 13.14 9.27 -16.58
C GLU A 125 14.12 8.12 -16.77
N GLY A 126 13.82 7.21 -17.70
CA GLY A 126 14.70 6.08 -17.94
C GLY A 126 16.02 6.48 -18.59
N CYS A 127 16.04 7.61 -19.30
CA CYS A 127 17.28 8.08 -19.90
C CYS A 127 18.30 8.46 -18.85
N TYR A 128 17.84 8.93 -17.68
CA TYR A 128 18.76 9.15 -16.57
C TYR A 128 19.38 7.84 -16.10
N VAL A 129 18.59 6.77 -16.08
CA VAL A 129 19.12 5.45 -15.74
C VAL A 129 20.21 5.05 -16.74
N LEU A 130 19.92 5.22 -18.04
CA LEU A 130 20.89 4.84 -19.05
C LEU A 130 22.11 5.73 -19.04
N ARG A 131 21.95 7.01 -18.70
CA ARG A 131 23.11 7.90 -18.56
C ARG A 131 23.94 7.52 -17.34
N ALA A 132 23.27 7.18 -16.23
CA ALA A 132 24.01 6.78 -15.03
C ALA A 132 24.79 5.49 -15.26
N ILE A 133 24.18 4.51 -15.92
CA ILE A 133 24.86 3.25 -16.20
C ILE A 133 26.05 3.49 -17.12
N GLU A 134 25.90 4.37 -18.11
CA GLU A 134 26.99 4.69 -19.01
C GLU A 134 28.17 5.28 -18.25
N MET A 135 27.90 6.16 -17.29
CA MET A 135 28.99 6.80 -16.54
C MET A 135 29.67 5.83 -15.58
N VAL A 136 28.92 4.87 -15.03
CA VAL A 136 29.51 3.86 -14.16
C VAL A 136 30.52 3.02 -14.93
N GLU A 137 30.19 2.69 -16.19
CA GLU A 137 31.13 1.98 -17.05
C GLU A 137 32.38 2.82 -17.31
N GLU A 138 32.22 4.14 -17.41
CA GLU A 138 33.33 5.04 -17.69
C GLU A 138 34.23 5.26 -16.48
N GLY A 139 33.90 4.70 -15.32
CA GLY A 139 34.71 4.86 -14.13
C GLY A 139 34.37 6.04 -13.27
N TYR A 140 33.28 6.75 -13.55
CA TYR A 140 32.90 7.89 -12.74
C TYR A 140 32.44 7.45 -11.35
N GLU A 141 32.45 8.40 -10.44
CA GLU A 141 32.04 8.19 -9.06
C GLU A 141 30.65 8.79 -8.82
N PRO A 142 29.92 8.34 -7.79
CA PRO A 142 28.51 8.75 -7.65
C PRO A 142 28.26 10.25 -7.70
N GLN A 143 29.10 11.06 -7.05
CA GLN A 143 28.85 12.50 -7.05
C GLN A 143 29.05 13.11 -8.44
N GLN A 144 30.01 12.60 -9.21
CA GLN A 144 30.18 13.07 -10.58
C GLN A 144 28.95 12.72 -11.43
N ILE A 145 28.38 11.53 -11.20
CA ILE A 145 27.20 11.12 -11.94
C ILE A 145 26.00 11.96 -11.54
N ILE A 146 25.84 12.23 -10.24
CA ILE A 146 24.73 13.05 -9.77
C ILE A 146 24.83 14.46 -10.35
N ASP A 147 26.04 15.01 -10.42
CA ASP A 147 26.22 16.35 -10.98
C ASP A 147 25.93 16.35 -12.48
N ASP A 148 26.30 15.28 -13.18
CA ASP A 148 26.02 15.19 -14.61
C ASP A 148 24.52 15.10 -14.88
N LEU A 149 23.81 14.29 -14.09
CA LEU A 149 22.37 14.18 -14.26
C LEU A 149 21.66 15.48 -13.90
N THR A 150 22.18 16.23 -12.92
CA THR A 150 21.58 17.51 -12.57
C THR A 150 21.70 18.50 -13.73
N ASN A 151 22.87 18.52 -14.40
CA ASN A 151 23.01 19.35 -15.58
C ASN A 151 22.12 18.85 -16.71
N MET A 152 22.02 17.53 -16.87
CA MET A 152 21.14 16.96 -17.89
C MET A 152 19.69 17.34 -17.64
N ARG A 153 19.29 17.45 -16.37
CA ARG A 153 17.91 17.81 -16.05
C ARG A 153 17.56 19.22 -16.49
N GLU A 154 18.56 20.11 -16.58
CA GLU A 154 18.30 21.49 -16.98
C GLU A 154 17.93 21.62 -18.45
N HIS A 155 18.29 20.64 -19.27
CA HIS A 155 17.98 20.63 -20.70
C HIS A 155 17.11 19.45 -21.05
N THR A 156 16.16 19.12 -20.18
CA THR A 156 15.29 17.97 -20.35
C THR A 156 13.87 18.37 -19.98
N GLY A 157 12.92 18.01 -20.83
CA GLY A 157 11.53 18.34 -20.59
C GLY A 157 10.60 17.45 -21.38
N ALA A 158 9.32 17.80 -21.34
CA ALA A 158 8.30 17.01 -22.04
C ALA A 158 7.03 17.83 -22.18
N TYR A 159 6.40 17.71 -23.34
CA TYR A 159 5.06 18.22 -23.58
C TYR A 159 4.13 17.05 -23.84
N LEU A 160 2.85 17.22 -23.53
CA LEU A 160 1.92 16.10 -23.61
C LEU A 160 0.50 16.62 -23.82
N ILE A 161 -0.36 15.73 -24.32
CA ILE A 161 -1.77 16.00 -24.52
C ILE A 161 -2.57 14.86 -23.94
N VAL A 162 -3.86 15.13 -23.70
CA VAL A 162 -4.80 14.12 -23.21
C VAL A 162 -6.15 14.37 -23.87
N ASP A 163 -6.95 13.31 -23.97
CA ASP A 163 -8.31 13.46 -24.48
C ASP A 163 -9.16 14.29 -23.54
N ASP A 164 -9.16 13.95 -22.25
CA ASP A 164 -9.95 14.64 -21.25
C ASP A 164 -9.11 14.82 -19.99
N LEU A 165 -9.27 15.97 -19.35
CA LEU A 165 -8.53 16.29 -18.13
C LEU A 165 -9.17 15.71 -16.87
N LYS A 166 -10.12 14.79 -17.02
CA LYS A 166 -10.82 14.26 -15.85
C LYS A 166 -9.94 13.32 -15.03
N ASN A 167 -9.08 12.54 -15.72
CA ASN A 167 -8.22 11.61 -15.00
C ASN A 167 -7.15 12.34 -14.21
N LEU A 168 -6.59 13.42 -14.76
CA LEU A 168 -5.57 14.17 -14.05
C LEU A 168 -6.19 15.00 -12.93
N GLN A 169 -7.38 15.57 -13.16
CA GLN A 169 -8.03 16.37 -12.13
C GLN A 169 -8.47 15.52 -10.95
N LYS A 170 -8.96 14.30 -11.22
CA LYS A 170 -9.35 13.40 -10.13
C LYS A 170 -8.15 13.04 -9.28
N SER A 171 -7.01 12.75 -9.91
CA SER A 171 -5.79 12.43 -9.19
C SER A 171 -5.10 13.68 -8.64
N GLY A 172 -5.51 14.87 -9.06
CA GLY A 172 -4.85 16.08 -8.63
C GLY A 172 -3.47 16.28 -9.20
N ARG A 173 -3.14 15.61 -10.30
CA ARG A 173 -1.82 15.69 -10.91
C ARG A 173 -1.70 16.81 -11.92
N ILE A 174 -2.76 17.57 -12.16
CA ILE A 174 -2.73 18.73 -13.04
C ILE A 174 -2.80 19.98 -12.17
N THR A 175 -1.84 20.88 -12.37
CA THR A 175 -1.76 22.13 -11.61
C THR A 175 -2.35 23.26 -12.45
N GLY A 176 -3.33 23.96 -11.89
CA GLY A 176 -3.97 25.03 -12.63
C GLY A 176 -4.88 24.51 -13.72
N ALA A 177 -5.18 25.40 -14.67
CA ALA A 177 -6.04 25.08 -15.82
C ALA A 177 -7.42 24.59 -15.37
N GLN A 178 -7.94 25.18 -14.29
CA GLN A 178 -9.24 24.74 -13.79
C GLN A 178 -10.38 25.23 -14.68
N ALA A 179 -10.20 26.37 -15.36
CA ALA A 179 -11.19 26.82 -16.32
C ALA A 179 -11.27 25.90 -17.54
N TRP A 180 -10.18 25.18 -17.86
CA TRP A 180 -10.22 24.23 -18.95
C TRP A 180 -11.04 23.00 -18.59
N VAL A 181 -11.12 22.67 -17.29
CA VAL A 181 -11.88 21.53 -16.83
C VAL A 181 -13.31 21.93 -16.53
N MET A 187 -12.22 21.82 -26.63
CA MET A 187 -10.93 21.93 -27.29
C MET A 187 -9.92 20.97 -26.68
N LYS A 188 -8.73 20.88 -27.28
CA LYS A 188 -7.71 19.94 -26.84
C LYS A 188 -6.60 20.68 -26.11
N PRO A 189 -6.27 20.26 -24.88
CA PRO A 189 -5.22 20.96 -24.13
C PRO A 189 -3.83 20.39 -24.38
N VAL A 190 -2.84 21.28 -24.38
CA VAL A 190 -1.44 20.92 -24.48
C VAL A 190 -0.79 21.23 -23.15
N LEU A 191 -0.28 20.20 -22.48
CA LEU A 191 0.35 20.35 -21.17
C LEU A 191 1.86 20.25 -21.31
N LYS A 192 2.55 20.58 -20.21
CA LYS A 192 3.99 20.55 -20.19
C LYS A 192 4.47 20.27 -18.76
N PHE A 193 5.67 19.74 -18.66
CA PHE A 193 6.32 19.54 -17.37
C PHE A 193 7.15 20.78 -17.04
N GLU A 194 7.01 21.29 -15.82
CA GLU A 194 7.77 22.43 -15.36
C GLU A 194 8.12 22.21 -13.89
N ASP A 195 9.41 22.05 -13.61
CA ASP A 195 9.89 21.82 -12.24
C ASP A 195 9.23 20.60 -11.62
N GLY A 196 9.00 19.57 -12.44
CA GLY A 196 8.46 18.32 -11.96
C GLY A 196 6.95 18.25 -11.87
N LYS A 197 6.24 19.30 -12.27
CA LYS A 197 4.78 19.32 -12.21
C LYS A 197 4.21 19.45 -13.61
N ILE A 198 2.94 19.08 -13.75
CA ILE A 198 2.22 19.17 -15.02
C ILE A 198 1.35 20.42 -15.00
N ILE A 199 1.65 21.36 -15.88
CA ILE A 199 0.95 22.64 -15.93
C ILE A 199 0.44 22.86 -17.36
N PRO A 200 -0.57 23.71 -17.53
CA PRO A 200 -1.06 23.99 -18.89
C PRO A 200 -0.06 24.81 -19.68
N GLU A 201 -0.12 24.66 -20.99
CA GLU A 201 0.74 25.39 -21.90
C GLU A 201 -0.03 26.05 -23.04
N GLU A 202 -1.00 25.35 -23.62
CA GLU A 202 -1.76 25.86 -24.75
C GLU A 202 -3.03 25.05 -24.90
N LYS A 203 -4.09 25.72 -25.34
CA LYS A 203 -5.36 25.07 -25.65
C LYS A 203 -5.61 25.21 -27.14
N VAL A 204 -5.61 24.09 -27.85
CA VAL A 204 -5.68 24.09 -29.30
C VAL A 204 -7.06 23.61 -29.74
N ARG A 205 -7.37 23.89 -31.01
CA ARG A 205 -8.73 23.65 -31.51
C ARG A 205 -8.98 22.18 -31.81
N THR A 206 -8.03 21.47 -32.40
CA THR A 206 -8.22 20.09 -32.82
C THR A 206 -7.09 19.22 -32.29
N LYS A 207 -7.38 17.93 -32.17
CA LYS A 207 -6.36 16.97 -31.76
C LYS A 207 -5.19 16.93 -32.74
N LYS A 208 -5.47 17.14 -34.03
CA LYS A 208 -4.40 17.16 -35.02
C LYS A 208 -3.43 18.31 -34.77
N ARG A 209 -3.95 19.50 -34.50
CA ARG A 209 -3.10 20.65 -34.21
C ARG A 209 -2.47 20.56 -32.83
N ALA A 210 -3.00 19.70 -31.95
CA ALA A 210 -2.35 19.45 -30.67
C ALA A 210 -1.03 18.70 -30.88
N ILE A 211 -1.05 17.67 -31.71
CA ILE A 211 0.16 16.91 -32.00
C ILE A 211 1.15 17.78 -32.76
N GLN A 212 0.66 18.59 -33.70
CA GLN A 212 1.53 19.54 -34.39
C GLN A 212 2.14 20.54 -33.41
N THR A 213 1.35 20.99 -32.43
CA THR A 213 1.87 21.89 -31.41
C THR A 213 2.94 21.20 -30.57
N LEU A 214 2.75 19.92 -30.27
CA LEU A 214 3.75 19.18 -29.50
C LEU A 214 5.11 19.21 -30.19
N GLU A 215 5.12 18.92 -31.50
CA GLU A 215 6.39 18.92 -32.23
C GLU A 215 6.98 20.31 -32.31
N LYS A 216 6.15 21.34 -32.51
CA LYS A 216 6.66 22.70 -32.64
C LYS A 216 7.28 23.19 -31.35
N LYS A 217 6.65 22.93 -30.21
CA LYS A 217 7.19 23.38 -28.93
C LYS A 217 8.54 22.72 -28.66
N VAL A 218 8.65 21.42 -28.90
CA VAL A 218 9.89 20.71 -28.60
C VAL A 218 10.98 21.07 -29.58
N LEU A 219 10.65 21.15 -30.87
CA LEU A 219 11.66 21.48 -31.89
C LEU A 219 12.20 22.88 -31.70
N ASP A 220 11.37 23.82 -31.23
CA ASP A 220 11.85 25.18 -30.98
C ASP A 220 12.84 25.24 -29.83
N ILE A 221 12.78 24.28 -28.91
CA ILE A 221 13.68 24.27 -27.76
C ILE A 221 14.99 23.55 -28.08
N VAL A 222 14.89 22.34 -28.64
CA VAL A 222 16.07 21.49 -28.80
C VAL A 222 17.01 21.97 -29.90
N LYS A 223 16.60 22.93 -30.73
CA LYS A 223 17.49 23.43 -31.78
C LYS A 223 18.69 24.18 -31.21
N ASP A 224 18.66 24.56 -29.94
CA ASP A 224 19.78 25.23 -29.28
C ASP A 224 20.63 24.27 -28.47
N PHE A 225 20.43 22.96 -28.61
CA PHE A 225 21.16 21.96 -27.85
C PHE A 225 22.24 21.33 -28.71
N GLU A 226 23.42 21.10 -28.11
CA GLU A 226 24.50 20.45 -28.83
C GLU A 226 24.18 18.99 -29.13
N GLU A 227 23.39 18.34 -28.26
CA GLU A 227 22.91 16.99 -28.50
C GLU A 227 21.42 16.94 -28.21
N VAL A 228 20.73 16.09 -28.96
CA VAL A 228 19.26 16.00 -28.88
C VAL A 228 18.86 14.54 -28.91
N THR A 229 18.09 14.12 -27.91
CA THR A 229 17.43 12.82 -27.91
C THR A 229 15.94 13.05 -27.72
N LEU A 230 15.14 12.71 -28.73
CA LEU A 230 13.71 12.86 -28.67
C LEU A 230 13.05 11.52 -28.37
N PHE A 231 11.95 11.56 -27.61
CA PHE A 231 11.24 10.36 -27.21
C PHE A 231 9.75 10.57 -27.36
N VAL A 232 9.13 9.79 -28.22
CA VAL A 232 7.67 9.75 -28.35
C VAL A 232 7.15 8.73 -27.34
N ILE A 233 6.32 9.19 -26.41
CA ILE A 233 5.72 8.33 -25.39
C ILE A 233 4.25 8.19 -25.72
N ASN A 234 3.87 7.02 -26.22
CA ASN A 234 2.55 6.78 -26.79
C ASN A 234 1.57 6.32 -25.72
N GLY A 235 0.28 6.52 -26.01
CA GLY A 235 -0.78 6.07 -25.12
C GLY A 235 -1.57 4.92 -25.71
N ASP A 236 -2.89 4.93 -25.51
CA ASP A 236 -3.73 3.84 -26.01
C ASP A 236 -4.05 3.97 -27.50
N HIS A 237 -4.01 5.19 -28.04
CA HIS A 237 -4.23 5.40 -29.47
C HIS A 237 -2.90 5.23 -30.17
N PHE A 238 -2.67 4.01 -30.68
CA PHE A 238 -1.37 3.65 -31.22
C PHE A 238 -1.02 4.48 -32.45
N GLU A 239 -2.02 4.93 -33.21
CA GLU A 239 -1.73 5.66 -34.44
C GLU A 239 -1.19 7.06 -34.16
N ASP A 240 -1.52 7.63 -33.01
CA ASP A 240 -1.04 8.98 -32.69
C ASP A 240 0.47 8.99 -32.49
N GLY A 241 0.99 8.08 -31.68
CA GLY A 241 2.42 8.04 -31.43
C GLY A 241 3.23 7.68 -32.65
N GLN A 242 2.71 6.78 -33.49
CA GLN A 242 3.43 6.39 -34.70
C GLN A 242 3.48 7.53 -35.70
N ALA A 243 2.36 8.23 -35.90
CA ALA A 243 2.34 9.35 -36.84
C ALA A 243 3.31 10.45 -36.39
N LEU A 244 3.37 10.73 -35.09
CA LEU A 244 4.32 11.71 -34.59
C LEU A 244 5.75 11.19 -34.68
N TYR A 245 5.95 9.91 -34.38
CA TYR A 245 7.29 9.32 -34.45
C TYR A 245 7.82 9.33 -35.89
N LYS A 246 6.97 8.95 -36.84
CA LYS A 246 7.41 8.93 -38.23
C LYS A 246 7.61 10.34 -38.76
N LYS A 247 6.74 11.29 -38.39
CA LYS A 247 6.90 12.67 -38.83
C LYS A 247 8.17 13.28 -38.27
N LEU A 248 8.53 12.93 -37.03
CA LEU A 248 9.77 13.42 -36.46
C LEU A 248 10.98 12.86 -37.21
N GLN A 249 10.91 11.60 -37.63
CA GLN A 249 12.02 11.01 -38.37
C GLN A 249 12.24 11.72 -39.70
N ASP A 250 11.19 12.29 -40.29
CA ASP A 250 11.30 13.01 -41.54
C ASP A 250 11.68 14.47 -41.33
N ASP A 251 11.09 15.13 -40.32
CA ASP A 251 11.37 16.53 -40.07
C ASP A 251 12.68 16.76 -39.35
N CYS A 252 13.20 15.75 -38.66
CA CYS A 252 14.41 16.00 -37.90
C CYS A 252 15.63 15.45 -38.65
N PRO A 253 16.78 16.08 -38.51
CA PRO A 253 18.00 15.51 -39.08
C PRO A 253 18.41 14.27 -38.30
N SER A 254 19.12 13.36 -38.97
CA SER A 254 19.59 12.14 -38.32
C SER A 254 20.55 12.42 -37.18
N ALA A 255 21.08 13.65 -37.07
CA ALA A 255 21.84 14.04 -35.89
C ALA A 255 20.98 14.03 -34.64
N TYR A 256 19.67 14.08 -34.78
CA TYR A 256 18.74 13.93 -33.67
C TYR A 256 18.47 12.46 -33.42
N GLN A 257 18.48 12.06 -32.15
CA GLN A 257 18.14 10.70 -31.77
C GLN A 257 16.65 10.66 -31.44
N VAL A 258 15.86 10.11 -32.37
CA VAL A 258 14.41 10.03 -32.23
C VAL A 258 14.05 8.59 -31.89
N ALA A 259 13.47 8.38 -30.72
CA ALA A 259 13.09 7.06 -30.24
C ALA A 259 11.60 7.02 -29.91
N TYR A 260 11.12 5.82 -29.62
CA TYR A 260 9.71 5.57 -29.36
C TYR A 260 9.55 4.73 -28.10
N SER A 261 8.51 5.02 -27.34
N SER A 261 8.51 5.02 -27.34
CA SER A 261 8.19 4.25 -26.14
CA SER A 261 8.19 4.26 -26.13
C SER A 261 6.71 4.44 -25.84
C SER A 261 6.71 4.44 -25.84
N GLU A 262 6.22 3.69 -24.85
CA GLU A 262 4.82 3.69 -24.48
C GLU A 262 4.66 3.87 -22.98
N THR A 263 3.45 4.28 -22.59
CA THR A 263 3.13 4.44 -21.18
C THR A 263 2.84 3.09 -20.54
N GLY A 264 2.98 3.04 -19.22
CA GLY A 264 2.62 1.88 -18.45
C GLY A 264 1.30 2.09 -17.73
N PRO A 265 0.89 1.12 -16.92
CA PRO A 265 -0.42 1.24 -16.25
C PRO A 265 -0.51 2.43 -15.31
N VAL A 266 0.54 2.72 -14.55
CA VAL A 266 0.46 3.80 -13.56
C VAL A 266 0.30 5.15 -14.24
N VAL A 267 1.12 5.41 -15.26
CA VAL A 267 1.02 6.68 -15.99
C VAL A 267 -0.31 6.78 -16.71
N ALA A 268 -0.75 5.69 -17.35
CA ALA A 268 -2.00 5.71 -18.09
C ALA A 268 -3.20 5.94 -17.18
N ALA A 269 -3.11 5.52 -15.91
CA ALA A 269 -4.23 5.70 -15.00
C ALA A 269 -4.47 7.17 -14.69
N HIS A 270 -3.43 7.99 -14.74
CA HIS A 270 -3.56 9.42 -14.47
C HIS A 270 -3.80 10.23 -15.73
N LEU A 271 -3.28 9.79 -16.87
CA LEU A 271 -3.50 10.52 -18.11
C LEU A 271 -4.88 10.22 -18.70
N GLY A 272 -5.34 8.98 -18.58
CA GLY A 272 -6.56 8.59 -19.23
C GLY A 272 -6.32 8.20 -20.68
N SER A 273 -7.40 8.22 -21.46
N SER A 273 -7.40 8.22 -21.46
CA SER A 273 -7.31 7.88 -22.87
CA SER A 273 -7.31 7.88 -22.87
C SER A 273 -6.65 9.00 -23.65
C SER A 273 -6.65 9.00 -23.65
N GLY A 274 -5.93 8.63 -24.70
CA GLY A 274 -5.28 9.60 -25.56
C GLY A 274 -4.08 10.28 -24.95
N GLY A 275 -3.40 9.64 -24.02
CA GLY A 275 -2.23 10.22 -23.39
C GLY A 275 -0.98 10.11 -24.24
N LEU A 276 -0.71 11.13 -25.06
CA LEU A 276 0.45 11.17 -25.93
C LEU A 276 1.43 12.22 -25.42
N GLY A 277 2.71 11.88 -25.38
CA GLY A 277 3.73 12.79 -24.92
C GLY A 277 4.92 12.81 -25.85
N LEU A 278 5.64 13.92 -25.83
CA LEU A 278 6.87 14.10 -26.58
C LEU A 278 7.93 14.69 -25.64
N GLY A 279 8.93 13.90 -25.31
CA GLY A 279 9.97 14.34 -24.40
C GLY A 279 11.29 14.58 -25.11
N TYR A 280 12.21 15.29 -24.44
CA TYR A 280 13.49 15.63 -25.04
C TYR A 280 14.56 15.67 -23.97
N VAL A 281 15.79 15.35 -24.36
CA VAL A 281 16.96 15.43 -23.50
C VAL A 281 18.07 16.09 -24.29
N GLY A 282 18.76 17.05 -23.66
CA GLY A 282 19.87 17.72 -24.31
C GLY A 282 21.15 16.90 -24.34
N ARG A 283 21.01 15.59 -24.50
CA ARG A 283 22.15 14.67 -24.54
C ARG A 283 21.87 13.60 -25.59
N LYS A 284 22.94 12.91 -25.99
CA LYS A 284 22.83 11.75 -26.86
C LYS A 284 22.92 10.52 -25.95
N ILE A 285 21.76 10.07 -25.46
CA ILE A 285 21.72 8.97 -24.51
C ILE A 285 21.98 7.66 -25.23
N ARG A 286 22.78 6.81 -24.61
CA ARG A 286 23.05 5.47 -25.14
C ARG A 286 21.83 4.59 -24.88
N LEU A 287 21.13 4.22 -25.96
CA LEU A 287 19.91 3.43 -25.86
C LEU A 287 20.15 1.94 -26.06
N THR A 288 21.40 1.52 -26.22
CA THR A 288 21.73 0.12 -26.44
C THR A 288 22.35 -0.51 -25.20
N MET B 1 -1.05 -26.95 36.35
CA MET B 1 -0.13 -26.86 35.22
C MET B 1 0.38 -25.44 35.02
N LYS B 2 1.60 -25.33 34.51
CA LYS B 2 2.21 -24.03 34.21
C LYS B 2 2.02 -23.76 32.73
N ILE B 3 0.87 -23.20 32.38
CA ILE B 3 0.50 -22.90 31.00
C ILE B 3 0.48 -21.38 30.82
N ALA B 4 1.20 -20.90 29.82
CA ALA B 4 1.21 -19.49 29.48
C ALA B 4 0.26 -19.21 28.33
N VAL B 5 -0.28 -18.00 28.31
CA VAL B 5 -1.18 -17.55 27.24
C VAL B 5 -0.65 -16.22 26.71
N MET B 6 -0.43 -16.15 25.41
CA MET B 6 0.08 -14.94 24.78
C MET B 6 -0.63 -14.74 23.45
N THR B 7 -0.39 -13.59 22.83
CA THR B 7 -1.07 -13.20 21.61
C THR B 7 -0.23 -12.16 20.89
N ASP B 8 -0.77 -11.66 19.77
CA ASP B 8 -0.14 -10.56 19.05
C ASP B 8 -0.81 -9.24 19.41
N SER B 9 -0.25 -8.15 18.91
CA SER B 9 -0.74 -6.82 19.27
C SER B 9 -2.15 -6.55 18.77
N THR B 10 -2.59 -7.23 17.70
CA THR B 10 -3.91 -6.98 17.14
C THR B 10 -5.04 -7.48 18.02
N SER B 11 -4.76 -8.13 19.15
CA SER B 11 -5.81 -8.46 20.10
C SER B 11 -6.37 -7.21 20.75
N TYR B 12 -5.56 -6.16 20.85
CA TYR B 12 -5.98 -4.85 21.38
C TYR B 12 -6.55 -4.99 22.79
N LEU B 13 -5.91 -5.82 23.60
CA LEU B 13 -6.30 -5.94 25.00
C LEU B 13 -5.90 -4.69 25.76
N SER B 14 -6.71 -4.35 26.76
CA SER B 14 -6.39 -3.21 27.62
C SER B 14 -5.09 -3.49 28.38
N GLN B 15 -4.37 -2.41 28.71
CA GLN B 15 -3.13 -2.57 29.45
C GLN B 15 -3.38 -3.10 30.86
N ASP B 16 -4.58 -2.87 31.41
CA ASP B 16 -4.92 -3.41 32.72
C ASP B 16 -4.97 -4.93 32.69
N LEU B 17 -5.56 -5.50 31.65
CA LEU B 17 -5.61 -6.95 31.53
C LEU B 17 -4.26 -7.55 31.18
N ILE B 18 -3.45 -6.80 30.41
CA ILE B 18 -2.13 -7.31 30.02
C ILE B 18 -1.21 -7.40 31.23
N ASP B 19 -1.21 -6.38 32.08
CA ASP B 19 -0.35 -6.36 33.26
C ASP B 19 -0.86 -7.31 34.35
N LYS B 20 -2.18 -7.45 34.49
CA LYS B 20 -2.72 -8.30 35.55
C LYS B 20 -2.35 -9.76 35.30
N TYR B 21 -2.43 -10.21 34.05
CA TYR B 21 -2.18 -11.60 33.71
C TYR B 21 -0.81 -11.83 33.06
N ASN B 22 0.00 -10.78 32.93
CA ASN B 22 1.34 -10.87 32.32
C ASN B 22 1.25 -11.48 30.92
N ILE B 23 0.36 -10.92 30.10
CA ILE B 23 0.14 -11.40 28.75
C ILE B 23 1.25 -10.88 27.86
N GLN B 24 2.10 -11.78 27.36
CA GLN B 24 3.15 -11.37 26.44
C GLN B 24 2.57 -11.08 25.07
N ILE B 25 3.18 -10.14 24.36
CA ILE B 25 2.67 -9.63 23.10
C ILE B 25 3.76 -9.69 22.05
N ALA B 26 3.45 -10.28 20.89
CA ALA B 26 4.29 -10.17 19.71
C ALA B 26 3.73 -9.04 18.85
N PRO B 27 4.34 -7.88 18.82
CA PRO B 27 3.68 -6.70 18.23
C PRO B 27 3.79 -6.66 16.72
N LEU B 28 2.74 -6.12 16.11
CA LEU B 28 2.75 -5.75 14.69
C LEU B 28 3.10 -4.28 14.55
N SER B 29 3.40 -3.87 13.32
CA SER B 29 3.88 -2.52 13.08
C SER B 29 3.22 -1.93 11.84
N VAL B 30 3.15 -0.60 11.81
CA VAL B 30 2.71 0.17 10.64
C VAL B 30 3.84 1.10 10.24
N THR B 31 4.11 1.17 8.93
CA THR B 31 5.21 1.96 8.41
C THR B 31 4.70 2.87 7.31
N PHE B 32 4.82 4.17 7.50
CA PHE B 32 4.47 5.12 6.46
C PHE B 32 5.63 5.30 5.49
N ASP B 33 5.32 5.81 4.30
CA ASP B 33 6.32 5.93 3.24
C ASP B 33 7.35 7.02 3.49
N ASP B 34 7.20 7.81 4.56
CA ASP B 34 8.20 8.80 4.92
C ASP B 34 9.19 8.28 5.96
N GLY B 35 9.07 7.01 6.35
CA GLY B 35 9.94 6.42 7.34
C GLY B 35 9.32 6.30 8.72
N LYS B 36 8.27 7.05 9.00
CA LYS B 36 7.63 7.02 10.32
C LYS B 36 6.98 5.66 10.54
N ASN B 37 7.36 5.01 11.64
CA ASN B 37 6.90 3.66 11.95
C ASN B 37 6.12 3.64 13.25
N PHE B 38 5.07 2.83 13.29
CA PHE B 38 4.22 2.67 14.48
C PHE B 38 4.22 1.18 14.85
N THR B 39 5.05 0.81 15.81
CA THR B 39 5.04 -0.55 16.35
C THR B 39 3.99 -0.64 17.44
N GLU B 40 2.96 -1.45 17.22
CA GLU B 40 1.73 -1.38 17.99
C GLU B 40 1.97 -1.63 19.48
N SER B 41 1.42 -0.73 20.30
N SER B 41 1.43 -0.73 20.31
CA SER B 41 1.49 -0.84 21.75
CA SER B 41 1.50 -0.84 21.75
C SER B 41 0.46 0.11 22.34
C SER B 41 0.51 0.15 22.35
N ASN B 42 0.20 -0.06 23.64
CA ASN B 42 -0.73 0.82 24.34
C ASN B 42 -0.11 2.18 24.69
N GLU B 43 1.14 2.41 24.30
CA GLU B 43 1.80 3.69 24.53
C GLU B 43 1.50 4.72 23.44
N ILE B 44 1.02 4.28 22.28
CA ILE B 44 0.74 5.18 21.16
C ILE B 44 -0.71 5.64 21.26
N ALA B 45 -0.90 6.96 21.36
CA ALA B 45 -2.24 7.51 21.24
C ALA B 45 -2.74 7.32 19.82
N ILE B 46 -3.88 6.65 19.67
CA ILE B 46 -4.42 6.34 18.34
C ILE B 46 -4.75 7.62 17.58
N GLU B 47 -4.91 8.74 18.29
CA GLU B 47 -5.20 10.00 17.61
C GLU B 47 -4.02 10.48 16.77
N GLU B 48 -2.80 10.23 17.26
CA GLU B 48 -1.61 10.61 16.49
C GLU B 48 -1.48 9.79 15.21
N PHE B 49 -1.93 8.54 15.23
CA PHE B 49 -1.90 7.74 14.01
C PHE B 49 -2.96 8.22 13.03
N TYR B 50 -4.15 8.60 13.53
CA TYR B 50 -5.20 9.08 12.65
C TYR B 50 -4.81 10.41 12.00
N ASN B 51 -4.15 11.28 12.76
CA ASN B 51 -3.67 12.54 12.20
C ASN B 51 -2.58 12.29 11.16
N LYS B 52 -1.70 11.32 11.40
CA LYS B 52 -0.68 10.97 10.42
C LYS B 52 -1.31 10.36 9.18
N MET B 53 -2.37 9.56 9.35
CA MET B 53 -3.04 8.95 8.21
C MET B 53 -3.77 10.00 7.39
N ALA B 54 -4.41 10.96 8.03
CA ALA B 54 -5.08 12.04 7.32
C ALA B 54 -4.08 12.99 6.66
N SER B 55 -2.86 13.07 7.17
CA SER B 55 -1.83 13.92 6.58
C SER B 55 -1.02 13.20 5.52
N SER B 56 -0.93 11.87 5.60
CA SER B 56 -0.12 11.12 4.65
C SER B 56 -0.80 11.10 3.28
N GLN B 57 0.01 11.12 2.22
CA GLN B 57 -0.56 11.09 0.85
C GLN B 57 -0.83 9.65 0.41
N THR B 58 -0.20 8.67 1.08
CA THR B 58 -0.36 7.27 0.71
C THR B 58 -0.87 6.47 1.89
N ILE B 59 -1.23 5.22 1.61
CA ILE B 59 -1.71 4.29 2.63
C ILE B 59 -0.51 3.56 3.21
N PRO B 60 -0.34 3.53 4.53
CA PRO B 60 0.84 2.89 5.12
C PRO B 60 0.78 1.37 4.96
N THR B 61 1.91 0.74 5.23
CA THR B 61 2.07 -0.70 5.09
C THR B 61 2.25 -1.33 6.47
N THR B 62 1.43 -2.34 6.77
CA THR B 62 1.54 -3.07 8.02
C THR B 62 2.38 -4.33 7.81
N SER B 63 2.85 -4.89 8.92
CA SER B 63 3.69 -6.08 8.89
C SER B 63 3.41 -6.94 10.11
N GLN B 64 3.40 -8.25 9.90
CA GLN B 64 3.21 -9.22 10.97
C GLN B 64 4.49 -9.39 11.77
N PRO B 65 4.41 -9.97 12.98
CA PRO B 65 5.65 -10.24 13.73
C PRO B 65 6.47 -11.32 13.06
N ALA B 66 7.78 -11.09 12.98
CA ALA B 66 8.68 -12.06 12.39
C ALA B 66 8.82 -13.28 13.29
N ILE B 67 9.36 -14.36 12.71
CA ILE B 67 9.50 -15.61 13.45
C ILE B 67 10.40 -15.42 14.66
N GLY B 68 11.45 -14.61 14.52
CA GLY B 68 12.38 -14.42 15.63
C GLY B 68 11.74 -13.76 16.84
N GLU B 69 10.76 -12.88 16.63
CA GLU B 69 10.10 -12.23 17.75
C GLU B 69 9.20 -13.19 18.50
N TRP B 70 8.52 -14.09 17.77
CA TRP B 70 7.75 -15.14 18.42
C TRP B 70 8.65 -16.06 19.22
N ILE B 71 9.78 -16.47 18.63
CA ILE B 71 10.70 -17.38 19.30
C ILE B 71 11.23 -16.74 20.59
N THR B 72 11.55 -15.45 20.53
CA THR B 72 12.07 -14.74 21.70
C THR B 72 11.07 -14.75 22.84
N LYS B 73 9.78 -14.55 22.54
CA LYS B 73 8.77 -14.63 23.57
C LYS B 73 8.53 -16.07 24.02
N TYR B 74 8.68 -17.03 23.11
CA TYR B 74 8.51 -18.43 23.49
C TYR B 74 9.58 -18.87 24.48
N GLU B 75 10.83 -18.47 24.25
CA GLU B 75 11.92 -18.86 25.13
C GLU B 75 11.83 -18.13 26.47
N MET B 76 11.30 -16.90 26.48
CA MET B 76 11.12 -16.18 27.73
C MET B 76 10.15 -16.90 28.64
N LEU B 77 9.01 -17.33 28.09
CA LEU B 77 8.03 -18.06 28.89
C LEU B 77 8.55 -19.44 29.30
N ARG B 78 9.34 -20.09 28.43
CA ARG B 78 9.94 -21.36 28.79
C ARG B 78 10.89 -21.20 29.96
N ASP B 79 11.77 -20.19 29.89
CA ASP B 79 12.73 -19.96 30.96
C ASP B 79 12.06 -19.54 32.26
N GLN B 80 10.83 -19.03 32.21
CA GLN B 80 10.08 -18.70 33.41
C GLN B 80 9.43 -19.90 34.06
N GLY B 81 9.50 -21.08 33.44
CA GLY B 81 8.93 -22.29 33.99
C GLY B 81 7.70 -22.80 33.27
N TYR B 82 7.21 -22.09 32.26
CA TYR B 82 6.02 -22.54 31.55
C TYR B 82 6.37 -23.69 30.62
N THR B 83 5.58 -24.77 30.71
CA THR B 83 5.78 -25.92 29.83
C THR B 83 4.95 -25.85 28.56
N ASP B 84 3.86 -25.08 28.57
CA ASP B 84 2.99 -24.95 27.40
C ASP B 84 2.60 -23.51 27.22
N ILE B 85 2.46 -23.10 25.96
CA ILE B 85 2.09 -21.73 25.59
C ILE B 85 0.90 -21.78 24.65
N ILE B 86 -0.19 -21.15 25.05
CA ILE B 86 -1.35 -20.97 24.17
C ILE B 86 -1.20 -19.63 23.48
N VAL B 87 -1.17 -19.65 22.15
CA VAL B 87 -0.91 -18.47 21.35
C VAL B 87 -2.16 -18.14 20.54
N ILE B 88 -2.81 -17.03 20.86
CA ILE B 88 -3.97 -16.55 20.12
C ILE B 88 -3.48 -15.58 19.06
N CYS B 89 -3.76 -15.90 17.80
CA CYS B 89 -3.19 -15.17 16.68
C CYS B 89 -4.27 -14.45 15.89
N LEU B 90 -3.84 -13.40 15.19
CA LEU B 90 -4.68 -12.75 14.20
C LEU B 90 -5.13 -13.76 13.14
N SER B 91 -6.27 -13.48 12.52
CA SER B 91 -6.89 -14.42 11.60
C SER B 91 -5.93 -14.81 10.48
N SER B 92 -5.83 -16.12 10.22
CA SER B 92 -4.94 -16.59 9.16
C SER B 92 -5.36 -16.09 7.78
N GLY B 93 -6.60 -15.62 7.62
CA GLY B 93 -7.06 -15.16 6.33
C GLY B 93 -6.70 -13.73 5.98
N ILE B 94 -6.29 -12.94 6.97
CA ILE B 94 -5.96 -11.54 6.76
C ILE B 94 -4.52 -11.21 7.11
N SER B 95 -3.76 -12.16 7.65
CA SER B 95 -2.40 -11.89 8.09
C SER B 95 -1.62 -13.18 8.17
N GLY B 96 -0.29 -13.05 8.07
CA GLY B 96 0.63 -14.14 8.28
C GLY B 96 1.16 -14.24 9.69
N SER B 97 0.55 -13.52 10.64
CA SER B 97 1.03 -13.56 12.02
C SER B 97 0.83 -14.95 12.64
N TYR B 98 -0.27 -15.62 12.30
CA TYR B 98 -0.47 -16.97 12.80
C TYR B 98 0.57 -17.93 12.24
N GLN B 99 0.89 -17.80 10.95
CA GLN B 99 1.88 -18.69 10.33
C GLN B 99 3.26 -18.50 10.96
N SER B 100 3.68 -17.26 11.13
CA SER B 100 4.96 -17.00 11.79
C SER B 100 4.94 -17.47 13.24
N SER B 101 3.79 -17.38 13.89
CA SER B 101 3.67 -17.92 15.25
C SER B 101 3.73 -19.43 15.25
N TYR B 102 3.17 -20.08 14.22
CA TYR B 102 3.18 -21.53 14.16
C TYR B 102 4.58 -22.07 13.90
N GLN B 103 5.29 -21.48 12.94
CA GLN B 103 6.62 -22.00 12.60
C GLN B 103 7.63 -21.71 13.71
N ALA B 104 7.44 -20.62 14.46
CA ALA B 104 8.30 -20.37 15.61
C ALA B 104 8.13 -21.46 16.67
N GLY B 105 6.91 -21.94 16.86
CA GLY B 105 6.68 -23.03 17.79
C GLY B 105 7.31 -24.33 17.35
N GLU B 106 7.42 -24.55 16.04
CA GLU B 106 8.08 -25.74 15.53
C GLU B 106 9.60 -25.67 15.64
N MET B 107 10.16 -24.46 15.76
CA MET B 107 11.60 -24.30 15.84
C MET B 107 12.11 -24.21 17.27
N VAL B 108 11.31 -23.68 18.20
CA VAL B 108 11.76 -23.50 19.57
C VAL B 108 11.91 -24.85 20.25
N GLU B 109 12.84 -24.92 21.20
CA GLU B 109 13.14 -26.14 21.94
C GLU B 109 12.77 -25.98 23.40
N GLY B 110 12.36 -27.08 24.01
CA GLY B 110 12.11 -27.12 25.44
C GLY B 110 10.78 -26.58 25.89
N VAL B 111 9.83 -26.32 24.97
CA VAL B 111 8.51 -25.82 25.33
C VAL B 111 7.55 -26.20 24.22
N ASN B 112 6.29 -26.43 24.60
CA ASN B 112 5.24 -26.77 23.65
C ASN B 112 4.40 -25.53 23.38
N VAL B 113 4.28 -25.17 22.09
CA VAL B 113 3.52 -24.01 21.65
C VAL B 113 2.26 -24.52 20.95
N HIS B 114 1.11 -24.02 21.39
CA HIS B 114 -0.18 -24.37 20.79
C HIS B 114 -0.72 -23.12 20.10
N ALA B 115 -0.45 -23.01 18.80
CA ALA B 115 -0.87 -21.85 18.03
C ALA B 115 -2.34 -22.00 17.65
N PHE B 116 -3.16 -21.01 18.01
CA PHE B 116 -4.59 -21.02 17.74
C PHE B 116 -4.93 -19.90 16.77
N ASP B 117 -5.67 -20.23 15.72
CA ASP B 117 -6.13 -19.27 14.71
C ASP B 117 -7.46 -18.71 15.19
N SER B 118 -7.45 -17.46 15.66
CA SER B 118 -8.67 -16.84 16.15
C SER B 118 -9.72 -16.67 15.06
N LYS B 119 -9.27 -16.59 13.81
CA LYS B 119 -10.11 -16.31 12.65
C LYS B 119 -10.83 -14.97 12.75
N LEU B 120 -10.46 -14.13 13.72
CA LEU B 120 -11.04 -12.80 13.89
C LEU B 120 -9.95 -11.76 14.13
N ALA B 121 -10.30 -10.69 14.85
CA ALA B 121 -9.37 -9.60 15.10
C ALA B 121 -9.90 -8.75 16.25
N ALA B 122 -9.08 -7.78 16.65
CA ALA B 122 -9.42 -6.78 17.67
C ALA B 122 -9.73 -7.49 18.98
N MET B 123 -10.60 -6.90 19.82
CA MET B 123 -10.89 -7.47 21.12
C MET B 123 -11.70 -8.77 21.02
N ILE B 124 -12.34 -9.02 19.88
CA ILE B 124 -12.98 -10.32 19.68
C ILE B 124 -11.93 -11.43 19.70
N GLU B 125 -10.78 -11.18 19.05
CA GLU B 125 -9.64 -12.08 19.20
C GLU B 125 -9.13 -12.08 20.64
N GLY B 126 -9.23 -10.94 21.32
CA GLY B 126 -8.77 -10.86 22.71
C GLY B 126 -9.60 -11.71 23.66
N CYS B 127 -10.88 -11.94 23.34
CA CYS B 127 -11.69 -12.81 24.19
C CYS B 127 -11.14 -14.23 24.23
N TYR B 128 -10.51 -14.68 23.14
CA TYR B 128 -9.87 -16.00 23.16
C TYR B 128 -8.73 -16.03 24.17
N VAL B 129 -7.99 -14.92 24.29
CA VAL B 129 -6.94 -14.84 25.30
C VAL B 129 -7.55 -14.90 26.71
N LEU B 130 -8.61 -14.14 26.93
CA LEU B 130 -9.23 -14.09 28.25
C LEU B 130 -9.90 -15.42 28.60
N ARG B 131 -10.40 -16.14 27.60
CA ARG B 131 -11.00 -17.45 27.87
C ARG B 131 -9.93 -18.49 28.18
N ALA B 132 -8.81 -18.45 27.45
CA ALA B 132 -7.74 -19.41 27.71
C ALA B 132 -7.12 -19.19 29.09
N ILE B 133 -6.95 -17.93 29.49
CA ILE B 133 -6.42 -17.64 30.82
C ILE B 133 -7.39 -18.14 31.89
N GLU B 134 -8.69 -17.95 31.67
CA GLU B 134 -9.69 -18.42 32.63
C GLU B 134 -9.64 -19.94 32.76
N MET B 135 -9.39 -20.65 31.66
CA MET B 135 -9.34 -22.10 31.71
C MET B 135 -8.06 -22.60 32.37
N VAL B 136 -6.96 -21.87 32.23
CA VAL B 136 -5.72 -22.25 32.90
C VAL B 136 -5.90 -22.17 34.41
N GLU B 137 -6.57 -21.12 34.89
CA GLU B 137 -6.84 -21.00 36.32
C GLU B 137 -7.74 -22.12 36.82
N GLU B 138 -8.63 -22.62 35.98
CA GLU B 138 -9.53 -23.71 36.37
C GLU B 138 -8.90 -25.08 36.24
N GLY B 139 -7.61 -25.16 35.88
CA GLY B 139 -6.90 -26.42 35.87
C GLY B 139 -7.06 -27.26 34.63
N TYR B 140 -7.35 -26.65 33.48
CA TYR B 140 -7.51 -27.40 32.25
C TYR B 140 -6.15 -27.63 31.59
N GLU B 141 -6.07 -28.70 30.80
CA GLU B 141 -4.88 -29.05 30.05
C GLU B 141 -4.85 -28.31 28.71
N PRO B 142 -3.67 -28.15 28.10
CA PRO B 142 -3.60 -27.36 26.85
C PRO B 142 -4.51 -27.86 25.75
N GLN B 143 -4.66 -29.17 25.60
CA GLN B 143 -5.54 -29.70 24.56
C GLN B 143 -7.01 -29.45 24.89
N GLN B 144 -7.36 -29.47 26.18
CA GLN B 144 -8.74 -29.17 26.57
C GLN B 144 -9.08 -27.72 26.25
N ILE B 145 -8.11 -26.81 26.41
CA ILE B 145 -8.36 -25.40 26.13
C ILE B 145 -8.54 -25.19 24.63
N ILE B 146 -7.68 -25.82 23.81
CA ILE B 146 -7.78 -25.68 22.36
C ILE B 146 -9.13 -26.16 21.87
N ASP B 147 -9.63 -27.26 22.42
CA ASP B 147 -10.93 -27.77 22.02
C ASP B 147 -12.04 -26.82 22.42
N ASP B 148 -11.94 -26.22 23.60
CA ASP B 148 -12.94 -25.25 24.03
C ASP B 148 -12.91 -23.99 23.17
N LEU B 149 -11.70 -23.51 22.85
CA LEU B 149 -11.58 -22.35 21.96
C LEU B 149 -12.10 -22.66 20.57
N THR B 150 -11.88 -23.89 20.09
CA THR B 150 -12.41 -24.29 18.79
C THR B 150 -13.93 -24.30 18.80
N ASN B 151 -14.52 -24.77 19.89
CA ASN B 151 -15.98 -24.71 20.03
C ASN B 151 -16.45 -23.27 20.13
N MET B 152 -15.69 -22.42 20.84
CA MET B 152 -16.03 -21.00 20.93
C MET B 152 -15.97 -20.32 19.57
N ARG B 153 -15.05 -20.75 18.70
CA ARG B 153 -14.91 -20.15 17.38
C ARG B 153 -16.14 -20.39 16.52
N GLU B 154 -16.89 -21.46 16.78
N GLU B 154 -16.89 -21.46 16.78
CA GLU B 154 -18.10 -21.75 16.01
CA GLU B 154 -18.10 -21.75 16.01
C GLU B 154 -19.27 -20.86 16.40
C GLU B 154 -19.27 -20.83 16.39
N HIS B 155 -19.21 -20.19 17.55
CA HIS B 155 -20.25 -19.28 18.01
C HIS B 155 -19.70 -17.87 18.16
N THR B 156 -18.80 -17.48 17.25
CA THR B 156 -18.14 -16.19 17.29
C THR B 156 -18.11 -15.60 15.89
N GLY B 157 -18.43 -14.31 15.79
CA GLY B 157 -18.40 -13.62 14.51
C GLY B 157 -18.34 -12.13 14.70
N ALA B 158 -18.45 -11.42 13.59
CA ALA B 158 -18.37 -9.96 13.62
C ALA B 158 -18.88 -9.38 12.31
N TYR B 159 -19.53 -8.22 12.41
CA TYR B 159 -19.92 -7.43 11.27
C TYR B 159 -19.31 -6.04 11.41
N LEU B 160 -19.03 -5.39 10.28
CA LEU B 160 -18.35 -4.10 10.32
C LEU B 160 -18.70 -3.28 9.09
N ILE B 161 -18.43 -1.98 9.19
CA ILE B 161 -18.63 -1.04 8.10
C ILE B 161 -17.40 -0.14 8.00
N VAL B 162 -17.22 0.44 6.81
CA VAL B 162 -16.17 1.42 6.56
C VAL B 162 -16.75 2.51 5.68
N ASP B 163 -16.05 3.65 5.65
CA ASP B 163 -16.47 4.75 4.78
C ASP B 163 -16.40 4.33 3.32
N ASP B 164 -15.31 3.68 2.92
CA ASP B 164 -15.19 3.10 1.60
C ASP B 164 -14.13 2.00 1.66
N LEU B 165 -14.09 1.19 0.59
CA LEU B 165 -13.27 -0.01 0.55
C LEU B 165 -11.87 0.22 0.00
N LYS B 166 -11.46 1.48 -0.19
CA LYS B 166 -10.18 1.74 -0.83
C LYS B 166 -9.01 1.15 -0.04
N ASN B 167 -9.02 1.36 1.29
CA ASN B 167 -7.94 0.84 2.11
C ASN B 167 -7.94 -0.68 2.13
N LEU B 168 -9.12 -1.29 2.21
CA LEU B 168 -9.20 -2.76 2.21
C LEU B 168 -8.83 -3.34 0.85
N GLN B 169 -9.14 -2.63 -0.24
CA GLN B 169 -8.79 -3.12 -1.56
C GLN B 169 -7.31 -2.93 -1.88
N LYS B 170 -6.70 -1.88 -1.34
CA LYS B 170 -5.28 -1.64 -1.59
C LYS B 170 -4.42 -2.77 -1.03
N SER B 171 -4.76 -3.25 0.17
CA SER B 171 -4.02 -4.34 0.81
C SER B 171 -4.59 -5.71 0.48
N GLY B 172 -5.68 -5.78 -0.28
CA GLY B 172 -6.27 -7.05 -0.64
C GLY B 172 -6.88 -7.81 0.53
N ARG B 173 -7.47 -7.10 1.49
CA ARG B 173 -8.06 -7.73 2.66
C ARG B 173 -9.56 -7.87 2.58
N ILE B 174 -10.17 -7.48 1.45
CA ILE B 174 -11.60 -7.69 1.21
C ILE B 174 -11.75 -8.73 0.11
N THR B 175 -12.57 -9.74 0.37
CA THR B 175 -12.75 -10.87 -0.54
C THR B 175 -14.12 -10.75 -1.19
N GLY B 176 -14.14 -10.50 -2.49
CA GLY B 176 -15.39 -10.36 -3.22
C GLY B 176 -15.29 -9.38 -4.38
N LEU B 185 -22.06 2.13 -5.75
CA LEU B 185 -21.25 3.34 -5.66
C LEU B 185 -21.60 4.16 -4.42
N LYS B 186 -22.74 4.86 -4.50
CA LYS B 186 -23.19 5.67 -3.37
C LYS B 186 -23.67 4.83 -2.19
N MET B 187 -23.89 3.55 -2.38
CA MET B 187 -24.37 2.70 -1.30
C MET B 187 -23.26 2.43 -0.29
N LYS B 188 -23.67 2.05 0.92
CA LYS B 188 -22.72 1.77 2.00
C LYS B 188 -22.59 0.28 2.21
N PRO B 189 -21.38 -0.28 2.18
CA PRO B 189 -21.23 -1.73 2.32
C PRO B 189 -21.24 -2.17 3.77
N VAL B 190 -21.94 -3.28 4.03
CA VAL B 190 -21.91 -3.95 5.33
C VAL B 190 -21.08 -5.22 5.14
N LEU B 191 -19.97 -5.31 5.88
CA LEU B 191 -19.06 -6.44 5.77
C LEU B 191 -19.20 -7.36 6.97
N LYS B 192 -18.71 -8.58 6.82
CA LYS B 192 -18.75 -9.57 7.89
C LYS B 192 -17.55 -10.48 7.77
N PHE B 193 -17.15 -11.06 8.90
CA PHE B 193 -16.09 -12.07 8.89
C PHE B 193 -16.70 -13.43 8.58
N GLU B 194 -16.04 -14.18 7.70
CA GLU B 194 -16.50 -15.50 7.29
C GLU B 194 -15.28 -16.40 7.13
N ASP B 195 -15.14 -17.37 8.03
CA ASP B 195 -14.02 -18.31 8.02
C ASP B 195 -12.67 -17.58 8.07
N GLY B 196 -12.64 -16.47 8.79
CA GLY B 196 -11.43 -15.69 8.95
C GLY B 196 -11.16 -14.67 7.86
N LYS B 197 -12.06 -14.54 6.89
CA LYS B 197 -11.92 -13.58 5.81
C LYS B 197 -13.03 -12.54 5.89
N ILE B 198 -12.77 -11.38 5.29
CA ILE B 198 -13.72 -10.28 5.26
C ILE B 198 -14.42 -10.26 3.91
N ILE B 199 -15.74 -10.45 3.94
CA ILE B 199 -16.52 -10.50 2.70
C ILE B 199 -17.71 -9.54 2.85
N PRO B 200 -18.23 -9.06 1.72
CA PRO B 200 -19.43 -8.22 1.78
C PRO B 200 -20.65 -9.04 2.20
N GLU B 201 -21.55 -8.38 2.92
CA GLU B 201 -22.79 -9.01 3.38
C GLU B 201 -24.01 -8.31 2.80
N GLU B 202 -24.19 -7.01 3.06
CA GLU B 202 -25.28 -6.24 2.51
C GLU B 202 -24.77 -4.87 2.10
N LYS B 203 -25.50 -4.22 1.21
CA LYS B 203 -25.25 -2.84 0.83
C LYS B 203 -26.50 -2.01 1.11
N VAL B 204 -26.34 -0.92 1.84
CA VAL B 204 -27.45 -0.08 2.25
C VAL B 204 -27.22 1.35 1.72
N ARG B 205 -28.24 2.19 1.89
CA ARG B 205 -28.20 3.52 1.32
C ARG B 205 -27.43 4.50 2.21
N THR B 206 -27.61 4.42 3.52
CA THR B 206 -27.04 5.38 4.45
C THR B 206 -26.23 4.68 5.52
N LYS B 207 -25.39 5.46 6.20
CA LYS B 207 -24.62 4.94 7.32
C LYS B 207 -25.50 4.58 8.50
N LYS B 208 -26.59 5.33 8.70
CA LYS B 208 -27.53 5.01 9.77
C LYS B 208 -28.13 3.62 9.59
N ARG B 209 -28.54 3.29 8.36
CA ARG B 209 -29.06 1.96 8.09
C ARG B 209 -27.98 0.90 8.17
N ALA B 210 -26.73 1.28 7.87
CA ALA B 210 -25.62 0.33 8.02
C ALA B 210 -25.39 -0.03 9.48
N ILE B 211 -25.43 0.96 10.37
CA ILE B 211 -25.27 0.69 11.79
C ILE B 211 -26.47 -0.11 12.32
N GLN B 212 -27.67 0.22 11.84
CA GLN B 212 -28.85 -0.57 12.20
C GLN B 212 -28.70 -2.01 11.73
N THR B 213 -28.09 -2.21 10.55
CA THR B 213 -27.88 -3.56 10.06
C THR B 213 -26.86 -4.31 10.92
N LEU B 214 -25.85 -3.61 11.43
CA LEU B 214 -24.89 -4.23 12.34
C LEU B 214 -25.60 -4.81 13.56
N GLU B 215 -26.52 -4.03 14.13
CA GLU B 215 -27.20 -4.47 15.34
C GLU B 215 -28.13 -5.65 15.07
N LYS B 216 -28.95 -5.56 14.03
CA LYS B 216 -29.96 -6.59 13.80
C LYS B 216 -29.33 -7.91 13.39
N LYS B 217 -28.24 -7.86 12.60
CA LYS B 217 -27.56 -9.10 12.22
C LYS B 217 -26.99 -9.82 13.44
N VAL B 218 -26.38 -9.07 14.36
CA VAL B 218 -25.78 -9.69 15.53
C VAL B 218 -26.85 -10.14 16.53
N LEU B 219 -27.88 -9.31 16.73
CA LEU B 219 -28.93 -9.66 17.69
C LEU B 219 -29.71 -10.89 17.24
N ASP B 220 -29.92 -11.07 15.94
CA ASP B 220 -30.65 -12.22 15.45
C ASP B 220 -29.87 -13.51 15.66
N ILE B 221 -28.54 -13.43 15.73
CA ILE B 221 -27.74 -14.62 15.92
C ILE B 221 -27.61 -14.97 17.40
N VAL B 222 -27.25 -13.99 18.22
CA VAL B 222 -26.94 -14.25 19.63
C VAL B 222 -28.18 -14.55 20.47
N LYS B 223 -29.37 -14.33 19.92
CA LYS B 223 -30.58 -14.60 20.69
C LYS B 223 -30.75 -16.09 21.01
N ASP B 224 -30.06 -16.97 20.27
CA ASP B 224 -30.12 -18.41 20.50
C ASP B 224 -28.96 -18.92 21.35
N PHE B 225 -28.10 -18.03 21.85
CA PHE B 225 -26.96 -18.42 22.65
C PHE B 225 -27.30 -18.38 24.14
N GLU B 226 -26.71 -19.31 24.89
CA GLU B 226 -26.94 -19.34 26.33
C GLU B 226 -26.15 -18.25 27.06
N GLU B 227 -25.04 -17.80 26.47
CA GLU B 227 -24.28 -16.67 27.00
C GLU B 227 -23.86 -15.79 25.82
N VAL B 228 -23.87 -14.48 26.01
CA VAL B 228 -23.63 -13.52 24.94
C VAL B 228 -22.66 -12.46 25.43
N THR B 229 -21.59 -12.24 24.67
CA THR B 229 -20.66 -11.14 24.89
C THR B 229 -20.57 -10.33 23.60
N LEU B 230 -20.99 -9.07 23.68
CA LEU B 230 -20.97 -8.17 22.52
C LEU B 230 -19.85 -7.16 22.66
N PHE B 231 -19.23 -6.81 21.54
CA PHE B 231 -18.11 -5.87 21.53
C PHE B 231 -18.32 -4.86 20.41
N VAL B 232 -18.37 -3.59 20.76
CA VAL B 232 -18.36 -2.50 19.78
C VAL B 232 -16.90 -2.13 19.55
N ILE B 233 -16.42 -2.36 18.33
CA ILE B 233 -15.03 -2.09 17.97
C ILE B 233 -15.05 -0.83 17.11
N ASN B 234 -14.65 0.29 17.71
CA ASN B 234 -14.79 1.60 17.09
C ASN B 234 -13.50 2.03 16.40
N GLY B 235 -13.66 2.79 15.32
CA GLY B 235 -12.53 3.34 14.60
C GLY B 235 -12.26 4.79 14.95
N ASP B 236 -12.18 5.65 13.94
CA ASP B 236 -11.85 7.05 14.15
C ASP B 236 -13.07 7.95 14.29
N HIS B 237 -14.28 7.40 14.18
CA HIS B 237 -15.51 8.16 14.39
C HIS B 237 -16.02 7.82 15.80
N PHE B 238 -15.68 8.67 16.75
CA PHE B 238 -15.96 8.39 18.17
C PHE B 238 -17.45 8.38 18.46
N GLU B 239 -18.19 9.33 17.87
CA GLU B 239 -19.60 9.47 18.20
C GLU B 239 -20.42 8.28 17.71
N ASP B 240 -20.13 7.79 16.50
CA ASP B 240 -20.93 6.70 15.95
C ASP B 240 -20.70 5.40 16.72
N GLY B 241 -19.44 5.10 17.04
CA GLY B 241 -19.17 3.92 17.85
C GLY B 241 -19.75 4.03 19.26
N GLN B 242 -19.71 5.24 19.84
CA GLN B 242 -20.30 5.44 21.16
C GLN B 242 -21.83 5.38 21.09
N ALA B 243 -22.41 5.88 20.01
CA ALA B 243 -23.87 5.84 19.87
C ALA B 243 -24.36 4.41 19.74
N LEU B 244 -23.65 3.58 18.99
CA LEU B 244 -24.01 2.17 18.89
C LEU B 244 -23.81 1.46 20.22
N TYR B 245 -22.76 1.83 20.96
CA TYR B 245 -22.52 1.25 22.28
C TYR B 245 -23.66 1.58 23.23
N LYS B 246 -24.15 2.82 23.21
CA LYS B 246 -25.24 3.21 24.09
C LYS B 246 -26.56 2.58 23.63
N LYS B 247 -26.79 2.53 22.32
CA LYS B 247 -28.03 1.95 21.81
C LYS B 247 -28.14 0.47 22.16
N LEU B 248 -27.02 -0.26 22.10
CA LEU B 248 -27.03 -1.66 22.48
C LEU B 248 -27.33 -1.81 23.97
N GLN B 249 -26.76 -0.93 24.80
CA GLN B 249 -27.05 -0.99 26.24
C GLN B 249 -28.52 -0.77 26.54
N ASP B 250 -29.21 0.03 25.71
CA ASP B 250 -30.64 0.24 25.91
C ASP B 250 -31.46 -0.91 25.35
N ASP B 251 -31.05 -1.46 24.20
CA ASP B 251 -31.82 -2.52 23.56
C ASP B 251 -31.50 -3.90 24.13
N CYS B 252 -30.26 -4.11 24.60
CA CYS B 252 -29.95 -5.44 25.09
C CYS B 252 -30.27 -5.57 26.57
N PRO B 253 -30.66 -6.75 27.01
CA PRO B 253 -30.77 -7.01 28.45
C PRO B 253 -29.39 -7.08 29.08
N SER B 254 -29.33 -6.74 30.37
CA SER B 254 -28.05 -6.81 31.07
C SER B 254 -27.49 -8.23 31.13
N ALA B 255 -28.28 -9.25 30.81
CA ALA B 255 -27.74 -10.59 30.69
C ALA B 255 -26.71 -10.67 29.56
N TYR B 256 -26.80 -9.77 28.59
CA TYR B 256 -25.76 -9.64 27.57
C TYR B 256 -24.62 -8.79 28.11
N GLN B 257 -23.39 -9.22 27.82
CA GLN B 257 -22.21 -8.44 28.15
C GLN B 257 -21.89 -7.53 26.97
N VAL B 258 -22.13 -6.24 27.13
CA VAL B 258 -21.91 -5.24 26.09
C VAL B 258 -20.71 -4.40 26.48
N ALA B 259 -19.64 -4.49 25.70
CA ALA B 259 -18.40 -3.78 25.97
C ALA B 259 -18.00 -2.92 24.79
N TYR B 260 -17.14 -1.93 25.06
CA TYR B 260 -16.66 -0.99 24.06
C TYR B 260 -15.16 -1.15 23.90
N SER B 261 -14.68 -1.04 22.66
N SER B 261 -14.68 -1.04 22.66
CA SER B 261 -13.26 -1.17 22.36
CA SER B 261 -13.26 -1.14 22.38
C SER B 261 -12.96 -0.37 21.10
C SER B 261 -12.96 -0.37 21.10
N GLU B 262 -11.67 -0.16 20.85
CA GLU B 262 -11.21 0.60 19.70
C GLU B 262 -10.11 -0.15 18.98
N THR B 263 -9.90 0.23 17.71
CA THR B 263 -8.86 -0.38 16.88
C THR B 263 -7.53 0.31 17.10
N GLY B 264 -6.45 -0.43 16.84
CA GLY B 264 -5.12 0.12 16.87
C GLY B 264 -4.65 0.51 15.49
N PRO B 265 -3.38 0.91 15.38
CA PRO B 265 -2.88 1.43 14.10
C PRO B 265 -2.92 0.41 12.96
N VAL B 266 -2.63 -0.87 13.25
CA VAL B 266 -2.55 -1.87 12.18
C VAL B 266 -3.92 -2.07 11.53
N VAL B 267 -4.94 -2.30 12.34
CA VAL B 267 -6.27 -2.53 11.79
C VAL B 267 -6.83 -1.25 11.16
N ALA B 268 -6.53 -0.10 11.77
CA ALA B 268 -7.00 1.16 11.22
C ALA B 268 -6.40 1.46 9.84
N ALA B 269 -5.19 0.98 9.58
CA ALA B 269 -4.56 1.23 8.29
C ALA B 269 -5.32 0.53 7.17
N HIS B 270 -5.81 -0.68 7.41
CA HIS B 270 -6.53 -1.42 6.38
C HIS B 270 -7.99 -1.00 6.28
N LEU B 271 -8.57 -0.49 7.37
CA LEU B 271 -9.97 -0.11 7.35
C LEU B 271 -10.17 1.29 6.78
N GLY B 272 -9.32 2.23 7.15
CA GLY B 272 -9.52 3.61 6.77
C GLY B 272 -10.46 4.30 7.75
N SER B 273 -10.97 5.46 7.31
CA SER B 273 -11.88 6.22 8.15
C SER B 273 -13.25 5.55 8.22
N GLY B 274 -13.97 5.86 9.29
CA GLY B 274 -15.32 5.34 9.47
C GLY B 274 -15.42 3.88 9.82
N GLY B 275 -14.31 3.25 10.22
CA GLY B 275 -14.35 1.84 10.60
C GLY B 275 -15.15 1.68 11.88
N LEU B 276 -16.08 0.73 11.87
CA LEU B 276 -16.90 0.45 13.05
C LEU B 276 -17.41 -0.98 12.94
N GLY B 277 -17.12 -1.80 13.96
CA GLY B 277 -17.51 -3.19 13.94
C GLY B 277 -18.24 -3.58 15.20
N LEU B 278 -19.11 -4.58 15.05
CA LEU B 278 -19.85 -5.17 16.17
C LEU B 278 -19.58 -6.67 16.16
N GLY B 279 -18.89 -7.15 17.19
CA GLY B 279 -18.58 -8.56 17.28
C GLY B 279 -19.34 -9.26 18.39
N TYR B 280 -19.42 -10.58 18.33
CA TYR B 280 -20.16 -11.34 19.32
C TYR B 280 -19.40 -12.62 19.65
N VAL B 281 -19.60 -13.10 20.87
CA VAL B 281 -19.05 -14.37 21.34
C VAL B 281 -20.15 -15.11 22.08
N GLY B 282 -20.33 -16.40 21.76
CA GLY B 282 -21.33 -17.21 22.41
C GLY B 282 -20.93 -17.68 23.79
N ARG B 283 -20.16 -16.85 24.50
CA ARG B 283 -19.72 -17.16 25.85
C ARG B 283 -19.79 -15.90 26.69
N LYS B 284 -19.72 -16.06 28.00
CA LYS B 284 -19.58 -14.94 28.92
C LYS B 284 -18.09 -14.83 29.25
N ILE B 285 -17.39 -14.01 28.47
CA ILE B 285 -15.95 -13.87 28.64
C ILE B 285 -15.65 -13.04 29.87
N ARG B 286 -14.70 -13.49 30.68
CA ARG B 286 -14.23 -12.72 31.83
C ARG B 286 -13.46 -11.51 31.33
N LEU B 287 -14.00 -10.31 31.55
CA LEU B 287 -13.39 -9.08 31.09
C LEU B 287 -12.65 -8.34 32.19
N THR B 288 -12.50 -8.95 33.36
CA THR B 288 -11.81 -8.32 34.47
C THR B 288 -10.59 -9.15 34.89
#